data_4WC8
#
_entry.id   4WC8
#
_cell.length_a   58.048
_cell.length_b   58.048
_cell.length_c   112.954
_cell.angle_alpha   90.00
_cell.angle_beta   90.00
_cell.angle_gamma   90.00
#
_symmetry.space_group_name_H-M   'P 41 2 2'
#
loop_
_entity.id
_entity.type
_entity.pdbx_description
1 polymer ORN-TYR-LEU-LEU-PHI-TYR-THR-GLU-ORN-LYS-VAL-ALA-MAA-ALA-VAL-LYS
2 polymer ORN-TYR-LEU-LEU-PHI-TYR-THR-GLU-ORN-LYS-VAL-ALA-MLE-ALA-VAL-LYS
3 non-polymer 'SULFATE ION'
4 non-polymer 'CHLORIDE ION'
5 water water
#
loop_
_entity_poly.entity_id
_entity_poly.type
_entity_poly.pdbx_seq_one_letter_code
_entity_poly.pdbx_strand_id
1 'polypeptide(L)' (ORN)YLL(PHI)YTE(ORN)KVA(MAA)AVK A,E,I,J,K,L
2 'polypeptide(L)' (ORN)YLL(PHI)YTE(ORN)KVA(MLE)AVK B,C,D,F,G,H
#
loop_
_chem_comp.id
_chem_comp.type
_chem_comp.name
_chem_comp.formula
CL non-polymer 'CHLORIDE ION' 'Cl -1'
SO4 non-polymer 'SULFATE ION' 'O4 S -2'
#
# COMPACT_ATOMS: atom_id res chain seq x y z
N ORN A 1 14.78 -1.34 9.29
CA ORN A 1 14.06 -1.08 10.55
CB ORN A 1 14.23 0.37 10.99
CG ORN A 1 15.66 0.73 11.44
CD ORN A 1 16.00 0.12 12.81
NE ORN A 1 15.17 0.69 13.86
C ORN A 1 12.54 -1.41 10.38
O ORN A 1 12.06 -1.63 9.28
H1 ORN A 1 15.80 -1.38 9.42
H2 ORN A 1 14.52 -2.22 8.85
H3 ORN A 1 14.63 -0.62 8.58
HA ORN A 1 14.46 -1.79 11.28
HB2 ORN A 1 13.94 1.05 10.16
HB3 ORN A 1 13.58 0.54 11.86
HG2 ORN A 1 16.36 0.34 10.68
HG3 ORN A 1 15.76 1.81 11.49
HD2 ORN A 1 15.85 -0.96 12.78
HD3 ORN A 1 17.05 0.37 13.05
HE1 ORN A 1 15.48 1.56 14.26
N TYR A 2 11.81 -1.46 11.54
CA TYR A 2 10.38 -1.73 11.54
C TYR A 2 9.65 -0.48 11.98
N LEU A 3 8.57 -0.13 11.28
CA LEU A 3 7.63 0.85 11.78
C LEU A 3 6.68 0.18 12.78
N LEU A 4 6.69 0.64 14.02
CA LEU A 4 5.80 0.13 15.07
C LEU A 4 4.61 1.03 15.30
N PHI A 5 3.46 0.45 15.64
CA PHI A 5 2.28 1.22 16.05
CB PHI A 5 1.03 0.84 15.23
CG PHI A 5 1.22 1.11 13.72
CD1 PHI A 5 0.68 2.31 13.11
CD2 PHI A 5 1.89 0.17 12.96
CE1 PHI A 5 0.84 2.53 11.78
CE2 PHI A 5 2.06 0.41 11.63
CZ PHI A 5 1.53 1.60 11.02
I PHI A 5 1.80 1.86 8.95
C PHI A 5 1.97 0.87 17.46
O PHI A 5 2.03 -0.34 17.85
H PHI A 5 3.29 -0.48 15.64
HA PHI A 5 2.45 2.16 15.97
HB2 PHI A 5 0.31 1.35 15.53
HB3 PHI A 5 0.83 -0.09 15.37
HD1 PHI A 5 0.20 2.96 13.65
HD2 PHI A 5 2.27 -0.67 13.40
HE1 PHI A 5 0.47 3.36 11.35
HE2 PHI A 5 2.56 -0.30 11.04
N TYR A 6 1.63 1.87 18.27
CA TYR A 6 1.28 1.61 19.66
C TYR A 6 0.21 2.58 20.11
N THR A 7 -0.44 2.24 21.22
CA THR A 7 -1.52 3.06 21.73
C THR A 7 -0.99 4.10 22.70
N GLU A 8 -1.09 5.35 22.28
CA GLU A 8 -0.63 6.50 23.04
C GLU A 8 -1.83 7.08 23.78
N ORN A 9 -6.89 8.71 23.91
CA ORN A 9 -5.82 7.71 23.68
CB ORN A 9 -5.98 6.55 24.72
CG ORN A 9 -4.70 5.75 25.01
CD ORN A 9 -3.51 6.60 25.52
NE ORN A 9 -2.35 6.25 24.75
C ORN A 9 -5.89 7.18 22.21
O ORN A 9 -6.76 6.39 21.84
H1 ORN A 9 -6.74 9.28 24.75
H2 ORN A 9 -6.98 9.39 23.14
H3 ORN A 9 -7.83 8.31 24.01
HA ORN A 9 -4.88 8.24 23.80
HB2 ORN A 9 -6.73 5.85 24.33
HB3 ORN A 9 -6.31 6.99 25.67
HG2 ORN A 9 -4.93 4.98 25.76
HG3 ORN A 9 -4.38 5.24 24.09
HD2 ORN A 9 -3.74 7.65 25.38
HD3 ORN A 9 -3.33 6.37 26.58
HE1 ORN A 9 -1.95 5.34 24.96
N LYS A 10 -4.94 7.68 21.35
CA LYS A 10 -4.88 7.30 19.94
C LYS A 10 -3.61 6.55 19.55
N VAL A 11 -3.56 6.15 18.28
CA VAL A 11 -2.43 5.41 17.75
C VAL A 11 -1.24 6.33 17.56
N ALA A 12 -0.06 5.81 17.86
CA ALA A 12 1.18 6.54 17.65
C ALA A 12 2.17 5.61 16.99
N MAA A 13 3.18 6.17 16.32
CM MAA A 13 3.22 7.59 15.96
CA MAA A 13 4.17 5.30 15.63
CB MAA A 13 3.98 5.42 14.10
C MAA A 13 5.62 5.59 16.04
O MAA A 13 5.98 6.70 16.42
HM1 MAA A 13 4.06 7.75 15.27
HM2 MAA A 13 2.28 7.88 15.49
HM3 MAA A 13 3.39 8.18 16.89
HA MAA A 13 3.96 4.27 15.92
HB1 MAA A 13 4.41 6.36 13.76
HB2 MAA A 13 4.50 4.58 13.61
HB3 MAA A 13 2.91 5.39 13.87
N ALA A 14 6.45 4.55 15.94
CA ALA A 14 7.87 4.70 16.14
C ALA A 14 8.58 3.82 15.11
N VAL A 15 9.85 4.11 14.85
CA VAL A 15 10.67 3.28 13.98
C VAL A 15 11.89 2.77 14.76
N LYS A 16 12.12 1.47 14.74
CA LYS A 16 13.23 0.78 15.37
C LYS A 16 14.01 0.06 14.29
N ORN B 1 -8.26 1.89 13.64
CA ORN B 1 -8.47 2.90 12.59
CB ORN B 1 -7.80 4.21 12.98
CG ORN B 1 -8.58 4.99 14.04
CD ORN B 1 -9.83 5.70 13.48
NE ORN B 1 -9.47 6.54 12.36
C ORN B 1 -7.91 2.42 11.26
O ORN B 1 -6.94 1.68 11.19
H1 ORN B 1 -8.49 0.94 13.34
H2 ORN B 1 -8.82 2.05 14.48
H3 ORN B 1 -7.29 1.85 13.97
HA ORN B 1 -9.55 3.00 12.48
HB2 ORN B 1 -6.78 4.03 13.34
HB3 ORN B 1 -7.77 4.85 12.08
HG2 ORN B 1 -8.89 4.29 14.83
HG3 ORN B 1 -7.92 5.75 14.49
HD2 ORN B 1 -10.54 4.94 13.13
HD3 ORN B 1 -10.28 6.32 14.26
HE1 ORN B 1 -8.99 7.42 12.61
N TYR B 2 -8.57 2.89 10.16
CA TYR B 2 -8.15 2.54 8.82
C TYR B 2 -6.94 3.39 8.44
N LEU B 3 -6.08 2.80 7.61
CA LEU B 3 -4.91 3.50 7.09
C LEU B 3 -5.14 3.65 5.60
N LEU B 4 -5.58 4.83 5.18
CA LEU B 4 -6.01 5.05 3.80
C LEU B 4 -5.11 6.04 3.07
N PHI B 5 -4.46 5.60 2.02
CA PHI B 5 -3.67 6.51 1.18
CB PHI B 5 -2.89 5.73 0.08
CG PHI B 5 -1.60 5.15 0.73
CD1 PHI B 5 -0.52 6.05 1.08
CD2 PHI B 5 -1.50 3.80 0.96
CE1 PHI B 5 0.61 5.56 1.64
CE2 PHI B 5 -0.36 3.29 1.52
CZ PHI B 5 0.72 4.20 1.88
I PHI B 5 2.48 3.46 2.77
C PHI B 5 -4.61 7.50 0.57
O PHI B 5 -5.83 7.17 0.26
H PHI B 5 -4.43 4.71 1.70
HA PHI B 5 -3.05 6.98 1.74
HB2 PHI B 5 -2.67 6.32 -0.61
HB3 PHI B 5 -3.44 5.02 -0.26
HD1 PHI B 5 -0.60 6.99 0.92
HD2 PHI B 5 -2.27 3.17 0.70
HE1 PHI B 5 1.36 6.17 1.90
HE2 PHI B 5 -0.27 2.28 1.71
N TYR B 6 -4.16 8.73 0.38
CA TYR B 6 -4.98 9.69 -0.34
C TYR B 6 -4.16 10.79 -0.96
N THR B 7 -4.76 11.51 -1.89
CA THR B 7 -4.11 12.65 -2.49
C THR B 7 -5.13 13.73 -2.80
N GLU B 8 -4.75 14.99 -2.62
CA GLU B 8 -5.55 16.13 -3.07
C GLU B 8 -4.99 16.72 -4.38
N ORN B 9 0.70 17.35 -6.48
CA ORN B 9 0.12 17.15 -5.13
CB ORN B 9 -1.41 17.09 -5.18
CG ORN B 9 -1.99 16.19 -6.26
CD ORN B 9 -3.51 16.34 -6.32
NE ORN B 9 -4.10 15.92 -5.07
C ORN B 9 0.68 15.86 -4.56
O ORN B 9 0.91 14.89 -5.28
H1 ORN B 9 1.71 17.16 -6.52
H2 ORN B 9 0.30 16.74 -7.19
H3 ORN B 9 0.59 18.30 -6.84
HA ORN B 9 0.50 17.98 -4.52
HB2 ORN B 9 -1.77 16.75 -4.21
HB3 ORN B 9 -1.78 18.11 -5.38
HG2 ORN B 9 -1.73 15.15 -6.03
HG3 ORN B 9 -1.56 16.46 -7.23
HD2 ORN B 9 -3.75 17.39 -6.51
HD3 ORN B 9 -3.89 15.70 -7.13
HE1 ORN B 9 -3.83 15.00 -4.75
N LYS B 10 0.91 15.86 -3.20
CA LYS B 10 1.47 14.72 -2.53
C LYS B 10 0.50 13.57 -2.30
N VAL B 11 1.07 12.39 -2.08
CA VAL B 11 0.34 11.27 -1.50
C VAL B 11 0.50 11.36 0.00
N ALA B 12 -0.47 10.86 0.75
CA ALA B 12 -0.34 10.82 2.19
C ALA B 12 -1.08 9.61 2.73
N MLE B 13 -0.75 9.17 3.94
CN MLE B 13 0.31 9.67 4.78
CA MLE B 13 -1.45 8.07 4.55
CB MLE B 13 -0.52 6.99 5.10
CG MLE B 13 -1.28 5.77 5.61
CD1 MLE B 13 -2.02 5.02 4.51
CD2 MLE B 13 -0.27 4.80 6.19
C MLE B 13 -2.39 8.62 5.62
O MLE B 13 -1.97 9.04 6.73
HN1 MLE B 13 0.70 10.46 4.38
HN2 MLE B 13 0.99 8.98 4.89
HN3 MLE B 13 -0.07 9.90 5.66
HA MLE B 13 -2.01 7.65 3.86
HB2 MLE B 13 0.02 7.36 5.83
HB3 MLE B 13 0.07 6.71 4.38
HG MLE B 13 -1.91 6.04 6.30
HD11 MLE B 13 -2.47 4.25 4.89
HD12 MLE B 13 -1.38 4.73 3.83
HD13 MLE B 13 -2.68 5.62 4.10
HD21 MLE B 13 -0.73 3.96 6.45
HD22 MLE B 13 0.15 5.19 6.98
HD23 MLE B 13 0.42 4.59 5.52
N ALA B 14 -3.69 8.63 5.29
CA ALA B 14 -4.70 9.05 6.26
C ALA B 14 -4.88 8.01 7.35
N VAL B 15 -5.12 8.49 8.57
CA VAL B 15 -5.49 7.64 9.69
C VAL B 15 -6.94 7.95 10.03
N LYS B 16 -7.84 7.01 9.75
CA LYS B 16 -9.26 7.21 10.02
C LYS B 16 -9.74 6.22 11.06
N ORN C 1 -14.19 -5.99 -3.83
CA ORN C 1 -14.11 -5.50 -2.44
CB ORN C 1 -13.99 -6.69 -1.46
CG ORN C 1 -15.33 -7.42 -1.17
CD ORN C 1 -16.26 -6.65 -0.22
NE ORN C 1 -15.61 -6.37 1.05
C ORN C 1 -12.87 -4.64 -2.28
O ORN C 1 -11.90 -4.74 -3.02
H1 ORN C 1 -14.01 -5.26 -4.53
H2 ORN C 1 -15.10 -6.39 -4.08
H3 ORN C 1 -13.50 -6.72 -4.05
HA ORN C 1 -14.99 -4.88 -2.28
HB2 ORN C 1 -13.26 -7.42 -1.82
HB3 ORN C 1 -13.66 -6.28 -0.50
HG2 ORN C 1 -15.11 -8.39 -0.73
HG3 ORN C 1 -15.85 -7.57 -2.13
HD2 ORN C 1 -16.54 -5.70 -0.68
HD3 ORN C 1 -17.15 -7.25 -0.02
HE1 ORN C 1 -15.60 -7.14 1.73
N TYR C 2 -12.93 -3.76 -1.23
CA TYR C 2 -11.81 -2.89 -0.94
C TYR C 2 -10.79 -3.64 -0.08
N LEU C 3 -9.53 -3.29 -0.30
CA LEU C 3 -8.44 -3.80 0.50
C LEU C 3 -7.84 -2.62 1.27
N LEU C 4 -8.15 -2.56 2.57
CA LEU C 4 -7.83 -1.39 3.37
C LEU C 4 -6.96 -1.74 4.58
N PHI C 5 -5.78 -1.13 4.65
CA PHI C 5 -4.90 -1.37 5.78
CB PHI C 5 -3.52 -0.70 5.53
CG PHI C 5 -2.67 -1.63 4.63
CD1 PHI C 5 -2.17 -2.89 5.19
CD2 PHI C 5 -2.40 -1.30 3.33
CE1 PHI C 5 -1.42 -3.73 4.41
CE2 PHI C 5 -1.63 -2.14 2.55
CZ PHI C 5 -1.14 -3.37 3.10
I PHI C 5 0.00 -4.66 1.87
C PHI C 5 -5.55 -0.76 6.97
O PHI C 5 -6.31 0.28 6.86
H PHI C 5 -5.43 -0.52 4.04
HA PHI C 5 -4.78 -2.31 5.91
HB2 PHI C 5 -3.09 -0.56 6.33
HB3 PHI C 5 -3.65 0.14 5.08
HD1 PHI C 5 -2.37 -3.13 6.10
HD2 PHI C 5 -2.75 -0.42 2.94
HE1 PHI C 5 -1.07 -4.59 4.78
HE2 PHI C 5 -1.42 -1.88 1.56
N TYR C 6 -5.33 -1.35 8.14
CA TYR C 6 -5.82 -0.76 9.36
C TYR C 6 -4.98 -1.20 10.54
N THR C 7 -5.19 -0.52 11.66
CA THR C 7 -4.53 -0.90 12.88
C THR C 7 -5.39 -0.48 14.05
N GLU C 8 -5.38 -1.29 15.09
CA GLU C 8 -6.04 -0.99 16.35
C GLU C 8 -5.03 -0.56 17.42
N ORN C 9 0.71 -2.55 18.58
CA ORN C 9 -0.41 -3.15 17.80
CB ORN C 9 -1.66 -2.26 17.85
CG ORN C 9 -1.42 -0.75 17.59
CD ORN C 9 -2.67 0.07 17.87
NE ORN C 9 -3.75 -0.33 16.97
C ORN C 9 0.03 -3.38 16.34
O ORN C 9 0.89 -2.69 15.79
H1 ORN C 9 1.62 -3.00 18.40
H2 ORN C 9 0.87 -1.57 18.39
H3 ORN C 9 0.58 -2.62 19.60
HA ORN C 9 -0.58 -4.13 18.24
HB2 ORN C 9 -2.39 -2.61 17.11
HB3 ORN C 9 -2.10 -2.33 18.86
HG2 ORN C 9 -1.12 -0.61 16.55
HG3 ORN C 9 -0.61 -0.40 18.24
HD2 ORN C 9 -2.99 -0.10 18.90
HD3 ORN C 9 -2.45 1.13 17.70
HE1 ORN C 9 -3.48 -0.43 16.00
N LYS C 10 -0.61 -4.42 15.70
CA LYS C 10 -0.26 -4.77 14.33
C LYS C 10 -1.01 -3.96 13.29
N VAL C 11 -0.42 -3.91 12.09
CA VAL C 11 -1.12 -3.52 10.87
C VAL C 11 -1.69 -4.75 10.23
N ALA C 12 -2.84 -4.60 9.59
CA ALA C 12 -3.50 -5.72 8.93
C ALA C 12 -4.14 -5.23 7.65
N MLE C 13 -4.43 -6.13 6.70
CN MLE C 13 -4.09 -7.52 6.69
CA MLE C 13 -5.14 -5.72 5.51
CB MLE C 13 -4.46 -6.20 4.24
CG MLE C 13 -5.07 -5.56 3.00
CD1 MLE C 13 -4.74 -4.09 2.90
CD2 MLE C 13 -4.48 -6.22 1.77
C MLE C 13 -6.59 -6.17 5.57
O MLE C 13 -6.92 -7.38 5.41
HN1 MLE C 13 -3.44 -7.70 5.97
HN2 MLE C 13 -4.90 -8.06 6.53
HN3 MLE C 13 -3.69 -7.78 7.55
HA MLE C 13 -5.14 -4.74 5.49
HB2 MLE C 13 -4.54 -7.17 4.17
HB3 MLE C 13 -3.52 -5.95 4.29
HG MLE C 13 -6.04 -5.68 3.01
HD11 MLE C 13 -5.15 -3.72 2.08
HD12 MLE C 13 -3.77 -3.96 2.87
HD13 MLE C 13 -5.11 -3.62 3.68
HD21 MLE C 13 -4.80 -5.76 0.96
HD22 MLE C 13 -4.77 -7.16 1.74
HD23 MLE C 13 -3.50 -6.18 1.81
N ALA C 14 -7.48 -5.20 5.78
CA ALA C 14 -8.92 -5.50 5.86
C ALA C 14 -9.47 -5.77 4.48
N VAL C 15 -10.40 -6.72 4.41
CA VAL C 15 -11.18 -6.97 3.20
C VAL C 15 -12.62 -6.52 3.42
N LYS C 16 -13.06 -5.55 2.63
CA LYS C 16 -14.40 -4.99 2.69
C LYS C 16 -15.05 -5.14 1.32
N ORN D 1 -8.77 13.06 -2.78
CA ORN D 1 -9.47 11.80 -3.02
CB ORN D 1 -9.65 11.54 -4.52
CG ORN D 1 -10.85 12.28 -5.12
CD ORN D 1 -12.17 11.70 -4.63
NE ORN D 1 -12.30 10.32 -5.01
C ORN D 1 -8.65 10.65 -2.41
O ORN D 1 -7.41 10.70 -2.34
H1 ORN D 1 -7.96 13.19 -3.39
H2 ORN D 1 -8.43 13.16 -1.83
H3 ORN D 1 -9.37 13.88 -2.94
HA ORN D 1 -10.41 11.86 -2.47
HB2 ORN D 1 -8.74 11.82 -5.06
HB3 ORN D 1 -9.85 10.46 -4.64
HG2 ORN D 1 -10.79 13.34 -4.85
HG3 ORN D 1 -10.80 12.19 -6.21
HD2 ORN D 1 -12.22 11.79 -3.54
HD3 ORN D 1 -12.99 12.26 -5.10
HE1 ORN D 1 -12.45 10.15 -6.00
N TYR D 2 -9.38 9.61 -1.90
CA TYR D 2 -8.72 8.46 -1.29
C TYR D 2 -8.17 7.57 -2.38
N LEU D 3 -7.08 6.87 -2.07
CA LEU D 3 -6.46 5.89 -2.96
C LEU D 3 -6.62 4.53 -2.30
N LEU D 4 -7.60 3.77 -2.79
CA LEU D 4 -8.02 2.56 -2.12
C LEU D 4 -7.85 1.35 -3.02
N PHI D 5 -7.03 0.40 -2.57
CA PHI D 5 -6.83 -0.84 -3.31
CB PHI D 5 -5.67 -1.64 -2.68
CG PHI D 5 -4.32 -1.08 -3.23
CD1 PHI D 5 -3.94 -1.34 -4.61
CD2 PHI D 5 -3.48 -0.34 -2.43
CE1 PHI D 5 -2.75 -0.85 -5.10
CE2 PHI D 5 -2.30 0.15 -2.92
CZ PHI D 5 -1.91 -0.12 -4.28
I PHI D 5 -0.09 0.64 -5.05
C PHI D 5 -8.13 -1.61 -3.30
O PHI D 5 -8.92 -1.56 -2.29
H PHI D 5 -6.53 0.41 -1.77
HA PHI D 5 -6.61 -0.61 -4.22
HB2 PHI D 5 -5.75 -2.54 -2.90
HB3 PHI D 5 -5.69 -1.53 -1.72
HD1 PHI D 5 -4.52 -1.86 -5.19
HD2 PHI D 5 -3.75 -0.15 -1.45
HE1 PHI D 5 -2.49 -1.04 -6.06
HE2 PHI D 5 -1.67 0.70 -2.29
N TYR D 6 -8.39 -2.33 -4.37
CA TYR D 6 -9.58 -3.16 -4.42
C TYR D 6 -9.40 -4.28 -5.43
N THR D 7 -10.29 -5.26 -5.38
CA THR D 7 -10.21 -6.37 -6.31
C THR D 7 -11.59 -6.82 -6.72
N GLU D 8 -11.71 -7.27 -7.97
N GLU D 8 -11.73 -7.26 -7.97
CA GLU D 8 -12.98 -7.77 -8.50
CA GLU D 8 -13.00 -7.78 -8.47
C GLU D 8 -12.97 -9.29 -8.66
C GLU D 8 -12.98 -9.30 -8.64
N ORN D 9 -7.83 -13.13 -9.69
CA ORN D 9 -7.88 -11.68 -9.86
CB ORN D 9 -9.12 -11.10 -9.16
CG ORN D 9 -10.42 -11.79 -9.55
CD ORN D 9 -11.61 -11.39 -8.65
NE ORN D 9 -11.74 -9.93 -8.53
C ORN D 9 -6.67 -11.00 -9.23
O ORN D 9 -6.08 -11.48 -8.27
H1 ORN D 9 -6.91 -13.53 -9.91
H2 ORN D 9 -8.02 -13.45 -8.74
H3 ORN D 9 -8.48 -13.63 -10.29
HA ORN D 9 -7.87 -11.49 -10.93
HB2 ORN D 9 -9.00 -11.23 -8.07
HB3 ORN D 9 -9.21 -10.04 -9.40
HG2 ORN D 9 -10.66 -11.53 -10.59
HG3 ORN D 9 -10.29 -12.88 -9.48
HD2 ORN D 9 -12.53 -11.79 -9.08
HD3 ORN D 9 -11.45 -11.81 -7.65
HE1 ORN D 9 -10.88 -9.43 -8.34
N LYS D 10 -6.33 -9.80 -9.80
CA LYS D 10 -5.24 -9.00 -9.29
C LYS D 10 -5.94 -7.84 -8.59
N VAL D 11 -5.26 -6.71 -8.44
CA VAL D 11 -5.82 -5.61 -7.70
C VAL D 11 -5.83 -4.38 -8.56
N ALA D 12 -6.47 -3.33 -8.05
CA ALA D 12 -6.46 -2.07 -8.73
C ALA D 12 -6.45 -1.00 -7.66
N MLE D 13 -5.98 0.21 -7.99
CN MLE D 13 -5.43 0.58 -9.27
CA MLE D 13 -5.98 1.28 -7.04
CB MLE D 13 -4.62 1.98 -7.02
CG MLE D 13 -4.10 2.51 -5.70
CD1 MLE D 13 -3.49 3.88 -5.92
CD2 MLE D 13 -5.11 2.60 -4.58
C MLE D 13 -7.13 2.23 -7.40
O MLE D 13 -7.05 2.96 -8.42
HN1 MLE D 13 -4.48 0.79 -9.18
HN2 MLE D 13 -5.91 1.38 -9.62
HN3 MLE D 13 -5.54 -0.16 -9.90
HA MLE D 13 -6.15 0.92 -6.15
HB2 MLE D 13 -4.64 2.73 -7.65
HB3 MLE D 13 -3.96 1.34 -7.35
HG MLE D 13 -3.39 1.92 -5.40
HD11 MLE D 13 -4.19 4.49 -6.22
HD12 MLE D 13 -2.79 3.81 -6.59
HD13 MLE D 13 -3.11 4.20 -5.08
HD21 MLE D 13 -4.71 3.02 -3.79
HD22 MLE D 13 -5.43 1.71 -4.34
HD23 MLE D 13 -5.88 3.16 -4.87
N ALA D 14 -8.21 2.20 -6.61
CA ALA D 14 -9.35 3.08 -6.86
C ALA D 14 -9.01 4.51 -6.45
N VAL D 15 -9.54 5.46 -7.20
CA VAL D 15 -9.43 6.87 -6.86
C VAL D 15 -10.83 7.33 -6.50
N LYS D 16 -11.08 7.49 -5.22
CA LYS D 16 -12.37 7.91 -4.70
C LYS D 16 -12.23 9.29 -4.10
N ORN E 1 -7.14 12.43 10.31
CA ORN E 1 -5.71 12.69 10.60
CB ORN E 1 -5.35 12.14 12.00
CG ORN E 1 -6.02 12.90 13.16
CD ORN E 1 -5.54 14.36 13.24
NE ORN E 1 -4.13 14.43 13.61
C ORN E 1 -4.86 11.98 9.56
O ORN E 1 -5.34 11.21 8.75
H1 ORN E 1 -7.44 11.48 10.55
H2 ORN E 1 -7.77 13.05 10.82
H3 ORN E 1 -7.38 12.55 9.33
HA ORN E 1 -5.57 13.76 10.50
HB2 ORN E 1 -4.27 12.20 12.13
HB3 ORN E 1 -5.69 11.09 12.05
HG2 ORN E 1 -7.10 12.89 13.02
HG3 ORN E 1 -5.77 12.40 14.10
HD2 ORN E 1 -5.67 14.83 12.26
HD3 ORN E 1 -6.12 14.88 14.00
HE1 ORN E 1 -3.94 14.40 14.60
N TYR E 2 -3.52 12.26 9.59
CA TYR E 2 -2.63 11.59 8.66
C TYR E 2 -1.31 11.25 9.35
N LEU E 3 -0.69 10.19 8.88
CA LEU E 3 0.65 9.81 9.27
C LEU E 3 1.63 10.71 8.54
N LEU E 4 2.56 11.31 9.27
CA LEU E 4 3.63 12.07 8.66
C LEU E 4 4.98 11.44 8.97
N PHI E 5 5.96 11.71 8.12
CA PHI E 5 7.32 11.19 8.27
CB PHI E 5 7.79 10.42 7.01
CG PHI E 5 6.84 9.22 6.84
CD1 PHI E 5 7.25 7.91 7.32
CD2 PHI E 5 5.60 9.40 6.27
CE1 PHI E 5 6.42 6.85 7.19
CE2 PHI E 5 4.75 8.34 6.14
CZ PHI E 5 5.18 7.04 6.61
I PHI E 5 3.87 5.40 6.41
C PHI E 5 8.22 12.34 8.48
O PHI E 5 8.03 13.47 7.90
H PHI E 5 5.89 12.25 7.35
HA PHI E 5 7.35 10.61 9.04
HB2 PHI E 5 8.66 10.12 7.13
HB3 PHI E 5 7.74 10.99 6.24
HD1 PHI E 5 8.12 7.80 7.72
HD2 PHI E 5 5.31 10.34 5.93
HE1 PHI E 5 6.69 5.94 7.51
HE2 PHI E 5 3.81 8.46 5.70
N TYR E 6 9.22 12.13 9.33
CA TYR E 6 10.21 13.15 9.57
C TYR E 6 11.53 12.50 9.89
N THR E 7 12.59 13.30 9.86
CA THR E 7 13.91 12.82 10.21
C THR E 7 14.40 13.42 11.51
N GLU E 8 15.16 12.63 12.25
CA GLU E 8 15.97 13.15 13.34
C GLU E 8 17.41 12.75 13.05
N ORN E 9 20.17 10.61 8.58
CA ORN E 9 19.41 10.53 9.86
CB ORN E 9 18.77 11.88 10.16
CG ORN E 9 19.76 12.95 10.59
CD ORN E 9 19.57 13.45 12.04
NE ORN E 9 18.17 13.69 12.38
C ORN E 9 18.29 9.45 9.82
O ORN E 9 17.91 8.95 8.75
H1 ORN E 9 20.43 9.70 8.21
H2 ORN E 9 21.05 11.13 8.67
H3 ORN E 9 19.65 11.07 7.84
HA ORN E 9 20.13 10.23 10.62
HB2 ORN E 9 18.22 12.23 9.28
HB3 ORN E 9 18.07 11.73 11.00
HG2 ORN E 9 20.77 12.55 10.49
HG3 ORN E 9 19.67 13.82 9.91
HD2 ORN E 9 20.11 14.39 12.16
HD3 ORN E 9 19.97 12.70 12.72
HE1 ORN E 9 17.81 14.61 12.12
N LYS E 10 17.75 9.10 11.02
CA LYS E 10 16.67 8.11 11.10
C LYS E 10 15.39 8.72 10.52
N VAL E 11 14.58 7.88 9.88
CA VAL E 11 13.20 8.22 9.53
C VAL E 11 12.30 7.81 10.69
N ALA E 12 11.36 8.68 11.03
CA ALA E 12 10.43 8.44 12.11
C ALA E 12 9.04 8.90 11.69
N MAA E 13 7.99 8.39 12.33
CM MAA E 13 8.03 7.34 13.34
CA MAA E 13 6.62 8.84 11.98
CB MAA E 13 5.85 7.70 11.28
C MAA E 13 5.83 9.44 13.18
O MAA E 13 6.16 9.23 14.34
HM1 MAA E 13 7.00 7.12 13.67
HM2 MAA E 13 8.64 7.69 14.19
HM3 MAA E 13 8.48 6.43 12.90
HA MAA E 13 6.72 9.66 11.25
HB1 MAA E 13 5.52 6.98 12.03
HB2 MAA E 13 4.98 8.12 10.76
HB3 MAA E 13 6.51 7.20 10.56
N ALA E 14 4.80 10.20 12.84
CA ALA E 14 3.92 10.81 13.82
C ALA E 14 2.55 10.89 13.20
N VAL E 15 1.56 11.16 14.04
CA VAL E 15 0.19 11.33 13.58
C VAL E 15 -0.34 12.71 13.92
N LYS E 16 -1.09 13.29 12.99
CA LYS E 16 -1.71 14.58 13.22
C LYS E 16 -3.13 14.53 12.67
N ORN F 1 14.45 6.58 2.31
CA ORN F 1 14.28 5.15 2.59
CB ORN F 1 14.31 4.87 4.12
CG ORN F 1 15.72 4.93 4.76
CD ORN F 1 16.59 3.72 4.41
NE ORN F 1 15.94 2.49 4.80
C ORN F 1 12.95 4.65 2.00
O ORN F 1 11.98 5.40 1.80
H1 ORN F 1 14.22 6.83 1.35
H2 ORN F 1 15.41 6.91 2.46
H3 ORN F 1 13.86 7.17 2.91
HA ORN F 1 15.09 4.64 2.05
HB2 ORN F 1 13.91 3.87 4.31
HB3 ORN F 1 13.69 5.63 4.62
HG2 ORN F 1 16.22 5.85 4.42
HG3 ORN F 1 15.61 4.98 5.86
HD2 ORN F 1 16.77 3.70 3.33
HD3 ORN F 1 17.53 3.79 4.95
HE1 ORN F 1 15.97 2.28 5.80
N TYR F 2 12.94 3.31 1.68
CA TYR F 2 11.76 2.66 1.14
C TYR F 2 10.85 2.25 2.28
N LEU F 3 9.56 2.31 2.01
CA LEU F 3 8.53 1.87 2.93
C LEU F 3 7.92 0.60 2.36
N LEU F 4 8.36 -0.54 2.88
CA LEU F 4 8.06 -1.83 2.28
C LEU F 4 7.28 -2.73 3.22
N PHI F 5 6.05 -3.07 2.84
CA PHI F 5 5.27 -4.05 3.60
CB PHI F 5 3.84 -4.22 3.02
CG PHI F 5 3.00 -3.02 3.53
CD1 PHI F 5 2.57 -2.95 4.93
CD2 PHI F 5 2.66 -2.01 2.68
CE1 PHI F 5 1.84 -1.90 5.37
CE2 PHI F 5 1.91 -0.95 3.11
CZ PHI F 5 1.49 -0.88 4.50
I PHI F 5 0.35 0.77 5.16
C PHI F 5 6.03 -5.35 3.58
O PHI F 5 6.71 -5.72 2.55
H PHI F 5 5.56 -2.72 2.11
HA PHI F 5 5.20 -3.75 4.51
HB2 PHI F 5 3.48 -5.01 3.31
HB3 PHI F 5 3.87 -4.21 2.06
HD1 PHI F 5 2.82 -3.66 5.54
HD2 PHI F 5 2.95 -2.05 1.68
HE1 PHI F 5 1.54 -1.85 6.33
HE2 PHI F 5 1.65 -0.18 2.46
N TYR F 6 5.96 -6.08 4.67
CA TYR F 6 6.78 -7.26 4.87
C TYR F 6 6.01 -8.23 5.74
N THR F 7 6.24 -9.53 5.56
CA THR F 7 5.76 -10.50 6.51
C THR F 7 6.75 -11.64 6.64
N GLU F 8 6.90 -12.11 7.87
CA GLU F 8 7.70 -13.29 8.12
C GLU F 8 6.82 -14.54 8.20
N ORN F 9 1.53 -15.26 10.50
CA ORN F 9 2.59 -14.22 10.61
CB ORN F 9 3.69 -14.36 9.54
CG ORN F 9 3.74 -15.66 8.82
CD ORN F 9 4.67 -15.63 7.58
NE ORN F 9 5.58 -14.49 7.58
C ORN F 9 1.92 -12.87 10.38
O ORN F 9 1.06 -12.73 9.52
H1 ORN F 9 0.68 -15.06 11.02
H2 ORN F 9 1.23 -15.45 9.54
H3 ORN F 9 1.84 -16.18 10.86
HA ORN F 9 2.96 -14.25 11.64
HB2 ORN F 9 3.52 -13.59 8.78
HB3 ORN F 9 4.66 -14.20 10.02
HG2 ORN F 9 2.73 -15.91 8.49
HG3 ORN F 9 4.09 -16.44 9.51
HD2 ORN F 9 4.04 -15.59 6.69
HD3 ORN F 9 5.27 -16.55 7.58
HE1 ORN F 9 5.25 -13.66 7.09
N LYS F 10 2.40 -11.83 11.13
CA LYS F 10 1.85 -10.50 10.96
C LYS F 10 2.41 -9.86 9.69
N VAL F 11 1.67 -8.87 9.21
CA VAL F 11 2.18 -7.89 8.25
C VAL F 11 2.83 -6.77 9.01
N ALA F 12 3.93 -6.24 8.49
CA ALA F 12 4.59 -5.09 9.12
C ALA F 12 5.05 -4.10 8.05
N MLE F 13 5.32 -2.84 8.43
CN MLE F 13 5.00 -2.22 9.69
CA MLE F 13 5.91 -1.91 7.50
CB MLE F 13 5.21 -0.55 7.43
CG MLE F 13 5.64 0.32 6.25
CD1 MLE F 13 5.37 -0.29 4.89
CD2 MLE F 13 4.80 1.59 6.25
C MLE F 13 7.40 -1.76 7.81
O MLE F 13 7.78 -1.16 8.83
HN1 MLE F 13 4.69 -2.90 10.33
HN2 MLE F 13 4.29 -1.55 9.55
HN3 MLE F 13 5.80 -1.78 10.05
HA MLE F 13 5.84 -2.32 6.60
HB2 MLE F 13 5.36 -0.06 8.26
HB3 MLE F 13 4.24 -0.73 7.34
HG MLE F 13 6.58 0.54 6.33
HD11 MLE F 13 5.66 0.32 4.19
HD12 MLE F 13 4.41 -0.47 4.80
HD13 MLE F 13 5.87 -1.13 4.81
HD21 MLE F 13 5.01 2.11 7.06
HD22 MLE F 13 3.85 1.35 6.24
HD23 MLE F 13 5.02 2.12 5.45
N ALA F 14 8.24 -2.34 6.95
CA ALA F 14 9.69 -2.15 7.07
C ALA F 14 10.08 -0.78 6.53
N VAL F 15 10.99 -0.12 7.23
CA VAL F 15 11.60 1.12 6.76
C VAL F 15 13.02 0.77 6.32
N LYS F 16 13.30 0.79 5.01
CA LYS F 16 14.65 0.45 4.50
C LYS F 16 15.30 1.68 3.91
N ORN G 1 8.02 -3.53 -13.27
CA ORN G 1 8.67 -2.67 -12.28
CB ORN G 1 8.75 -1.24 -12.80
CG ORN G 1 9.82 -1.03 -13.87
CD ORN G 1 11.24 -1.07 -13.30
NE ORN G 1 11.38 -0.06 -12.26
C ORN G 1 7.90 -2.71 -10.94
O ORN G 1 6.69 -2.97 -10.89
H1 ORN G 1 7.17 -3.11 -13.66
H2 ORN G 1 7.74 -4.44 -12.90
H3 ORN G 1 8.61 -3.73 -14.08
HA ORN G 1 9.66 -3.12 -12.10
HB2 ORN G 1 8.98 -0.57 -11.96
HB3 ORN G 1 7.78 -0.98 -13.23
HG2 ORN G 1 9.73 -1.82 -14.63
HG3 ORN G 1 9.67 -0.06 -14.35
HD2 ORN G 1 11.43 -2.05 -12.87
HD3 ORN G 1 11.95 -0.84 -14.09
HE1 ORN G 1 11.49 0.90 -12.59
N TYR G 2 8.64 -2.46 -9.81
CA TYR G 2 8.04 -2.44 -8.50
C TYR G 2 7.44 -1.07 -8.23
N LEU G 3 6.33 -1.08 -7.50
CA LEU G 3 5.70 0.14 -7.00
C LEU G 3 5.96 0.24 -5.50
N LEU G 4 6.94 1.07 -5.15
CA LEU G 4 7.49 1.11 -3.79
C LEU G 4 7.28 2.47 -3.14
N PHI G 5 6.56 2.48 -2.03
CA PHI G 5 6.39 3.70 -1.24
CB PHI G 5 5.33 3.50 -0.12
CG PHI G 5 3.92 3.66 -0.75
CD1 PHI G 5 3.48 4.96 -1.27
CD2 PHI G 5 3.07 2.57 -0.87
CE1 PHI G 5 2.23 5.09 -1.85
CE2 PHI G 5 1.83 2.71 -1.43
CZ PHI G 5 1.40 3.99 -1.95
I PHI G 5 -0.53 4.14 -2.84
C PHI G 5 7.74 4.06 -0.72
O PHI G 5 8.60 3.18 -0.35
H PHI G 5 6.10 1.75 -1.65
HA PHI G 5 6.08 4.40 -1.84
HB2 PHI G 5 5.46 4.14 0.54
HB3 PHI G 5 5.43 2.62 0.24
HD1 PHI G 5 4.06 5.73 -1.20
HD2 PHI G 5 3.38 1.66 -0.51
HE1 PHI G 5 1.94 5.98 -2.20
HE2 PHI G 5 1.21 1.88 -1.52
N TYR G 6 7.98 5.36 -0.65
CA TYR G 6 9.31 5.89 -0.41
C TYR G 6 9.22 7.25 0.26
N THR G 7 10.19 7.56 1.10
CA THR G 7 10.26 8.88 1.71
C THR G 7 11.72 9.24 1.96
N GLU G 8 12.09 10.49 1.70
CA GLU G 8 13.39 11.00 2.11
C GLU G 8 13.32 11.65 3.50
N ORN G 9 8.77 15.18 5.84
CA ORN G 9 9.12 14.78 4.49
CB ORN G 9 10.42 13.94 4.46
CG ORN G 9 10.52 12.83 5.51
CD ORN G 9 11.88 12.16 5.45
NE ORN G 9 12.09 11.60 4.13
C ORN G 9 7.93 13.98 3.91
O ORN G 9 7.25 13.24 4.61
H1 ORN G 9 7.82 15.54 5.93
H2 ORN G 9 8.83 14.42 6.52
H3 ORN G 9 9.37 15.93 6.21
HA ORN G 9 9.20 15.71 3.91
HB2 ORN G 9 10.52 13.48 3.47
HB3 ORN G 9 11.27 14.63 4.64
HG2 ORN G 9 9.74 12.09 5.33
HG3 ORN G 9 10.38 13.27 6.52
HD2 ORN G 9 12.66 12.90 5.66
HD3 ORN G 9 11.92 11.35 6.18
HE1 ORN G 9 11.29 11.17 3.70
N LYS G 10 7.67 14.17 2.58
CA LYS G 10 6.56 13.50 1.96
C LYS G 10 6.80 12.02 1.69
N VAL G 11 5.70 11.27 1.63
CA VAL G 11 5.73 9.92 1.10
C VAL G 11 5.43 10.01 -0.40
N ALA G 12 6.11 9.20 -1.19
CA ALA G 12 5.87 9.16 -2.61
C ALA G 12 5.85 7.72 -3.10
N MLE G 13 5.28 7.48 -4.28
CN MLE G 13 4.57 8.43 -5.12
CA MLE G 13 5.32 6.17 -4.85
CB MLE G 13 3.97 5.73 -5.40
CG MLE G 13 3.99 4.26 -5.80
CD1 MLE G 13 3.92 3.34 -4.61
CD2 MLE G 13 2.77 4.00 -6.65
C MLE G 13 6.42 6.13 -5.88
O MLE G 13 6.32 6.73 -6.98
HN1 MLE G 13 4.66 9.33 -4.72
HN2 MLE G 13 3.62 8.18 -5.16
HN3 MLE G 13 4.96 8.43 -6.01
HA MLE G 13 5.56 5.55 -4.13
HB2 MLE G 13 3.74 6.28 -6.18
HB3 MLE G 13 3.30 5.86 -4.71
HG MLE G 13 4.80 4.06 -6.31
HD11 MLE G 13 3.93 2.40 -4.91
HD12 MLE G 13 3.10 3.53 -4.11
HD13 MLE G 13 4.70 3.49 -4.03
HD21 MLE G 13 2.72 3.03 -6.85
HD22 MLE G 13 2.83 4.50 -7.48
HD23 MLE G 13 1.97 4.27 -6.16
N ALA G 14 7.49 5.42 -5.54
CA ALA G 14 8.58 5.24 -6.49
C ALA G 14 8.24 4.12 -7.45
N VAL G 15 8.71 4.24 -8.68
CA VAL G 15 8.57 3.20 -9.69
C VAL G 15 9.97 2.69 -9.99
N LYS G 16 10.22 1.40 -9.74
CA LYS G 16 11.52 0.78 -9.97
C LYS G 16 11.37 -0.39 -10.93
N ORN H 1 9.36 -12.47 3.91
CA ORN H 1 9.31 -11.95 2.52
CB ORN H 1 8.55 -12.94 1.61
CG ORN H 1 9.34 -14.23 1.32
CD ORN H 1 10.42 -14.03 0.24
NE ORN H 1 9.85 -13.50 -0.97
C ORN H 1 8.64 -10.56 2.43
O ORN H 1 7.80 -10.18 3.25
H1 ORN H 1 10.00 -13.25 4.03
H2 ORN H 1 8.45 -12.82 4.24
H3 ORN H 1 9.64 -11.78 4.61
HA ORN H 1 10.35 -11.83 2.22
HB2 ORN H 1 7.59 -13.20 2.08
HB3 ORN H 1 8.38 -12.44 0.65
HG2 ORN H 1 8.64 -15.00 0.98
HG3 ORN H 1 9.82 -14.58 2.24
HD2 ORN H 1 11.17 -13.34 0.61
HD3 ORN H 1 10.87 -15.01 0.01
HE1 ORN H 1 9.42 -14.18 -1.60
N TYR H 2 9.03 -9.79 1.37
CA TYR H 2 8.46 -8.47 1.15
C TYR H 2 7.15 -8.60 0.42
N LEU H 3 6.27 -7.64 0.69
CA LEU H 3 4.99 -7.51 0.00
C LEU H 3 5.03 -6.23 -0.81
N LEU H 4 5.31 -6.37 -2.11
CA LEU H 4 5.67 -5.25 -2.97
C LEU H 4 4.69 -5.13 -4.12
N PHI H 5 4.01 -4.00 -4.23
CA PHI H 5 3.12 -3.76 -5.37
CB PHI H 5 2.29 -2.45 -5.19
CG PHI H 5 1.10 -2.79 -4.24
CD1 PHI H 5 -0.01 -3.60 -4.72
CD2 PHI H 5 1.10 -2.36 -2.93
CE1 PHI H 5 -1.06 -3.92 -3.90
CE2 PHI H 5 0.05 -2.68 -2.10
CZ PHI H 5 -1.04 -3.48 -2.58
I PHI H 5 -2.65 -3.96 -1.29
C PHI H 5 4.00 -3.78 -6.59
O PHI H 5 5.22 -3.40 -6.51
H PHI H 5 4.04 -3.26 -3.65
HA PHI H 5 2.50 -4.50 -5.43
HB2 PHI H 5 1.96 -2.16 -6.01
HB3 PHI H 5 2.84 -1.76 -4.80
HD1 PHI H 5 -0.02 -3.90 -5.63
HD2 PHI H 5 1.88 -1.79 -2.57
HE1 PHI H 5 -1.82 -4.47 -4.24
HE2 PHI H 5 0.06 -2.35 -1.11
N TYR H 6 3.47 -4.26 -7.70
CA TYR H 6 4.30 -4.54 -8.87
C TYR H 6 3.45 -4.46 -10.12
N THR H 7 4.06 -4.05 -11.22
CA THR H 7 3.36 -4.03 -12.49
C THR H 7 4.36 -4.20 -13.62
N GLU H 8 4.00 -5.05 -14.58
CA GLU H 8 4.77 -5.18 -15.81
C GLU H 8 4.36 -4.10 -16.82
N ORN H 9 -1.48 -2.38 -18.24
CA ORN H 9 -0.92 -3.53 -17.48
CB ORN H 9 0.61 -3.53 -17.52
CG ORN H 9 1.29 -2.17 -17.26
CD ORN H 9 2.79 -2.27 -17.35
NE ORN H 9 3.29 -3.33 -16.48
C ORN H 9 -1.44 -3.48 -16.03
O ORN H 9 -1.59 -2.44 -15.42
H1 ORN H 9 -2.47 -2.21 -18.07
H2 ORN H 9 -1.02 -1.48 -18.03
H3 ORN H 9 -1.39 -2.47 -19.26
HA ORN H 9 -1.34 -4.42 -17.95
HB2 ORN H 9 0.98 -4.23 -16.76
HB3 ORN H 9 0.94 -3.86 -18.51
HG2 ORN H 9 0.93 -1.45 -18.01
HG3 ORN H 9 1.01 -1.82 -16.26
HD2 ORN H 9 3.23 -1.32 -17.02
HD3 ORN H 9 3.08 -2.49 -18.38
HE1 ORN H 9 2.76 -3.45 -15.61
N LYS H 10 -1.76 -4.70 -15.46
CA LYS H 10 -2.30 -4.81 -14.12
C LYS H 10 -1.28 -4.58 -13.01
N VAL H 11 -1.77 -4.11 -11.88
CA VAL H 11 -1.01 -4.11 -10.63
C VAL H 11 -1.33 -5.37 -9.86
N ALA H 12 -0.34 -5.89 -9.15
CA ALA H 12 -0.51 -7.06 -8.33
C ALA H 12 0.32 -6.90 -7.07
N MLE H 13 0.00 -7.65 -6.02
CN MLE H 13 -1.12 -8.56 -5.92
CA MLE H 13 0.83 -7.65 -4.85
CB MLE H 13 0.09 -7.67 -3.52
CG MLE H 13 1.05 -7.49 -2.34
CD1 MLE H 13 1.72 -6.13 -2.33
CD2 MLE H 13 0.26 -7.61 -1.06
C MLE H 13 1.82 -8.79 -4.95
O MLE H 13 1.45 -9.99 -4.83
HN1 MLE H 13 -1.60 -8.58 -6.77
HN2 MLE H 13 -1.73 -8.25 -5.21
HN3 MLE H 13 -0.79 -9.46 -5.70
HA MLE H 13 1.35 -6.82 -4.88
HB2 MLE H 13 -0.40 -8.51 -3.43
HB3 MLE H 13 -0.55 -6.93 -3.52
HG MLE H 13 1.74 -8.20 -2.37
HD11 MLE H 13 1.03 -5.43 -2.28
HD12 MLE H 13 2.23 -6.01 -3.15
HD13 MLE H 13 2.31 -6.07 -1.55
HD21 MLE H 13 0.84 -7.43 -0.29
HD22 MLE H 13 -0.10 -8.52 -0.98
HD23 MLE H 13 -0.48 -6.97 -1.07
N ALA H 14 3.08 -8.44 -5.19
CA ALA H 14 4.12 -9.44 -5.28
C ALA H 14 4.58 -9.86 -3.90
N VAL H 15 4.88 -11.14 -3.76
CA VAL H 15 5.44 -11.70 -2.55
C VAL H 15 6.85 -12.14 -2.87
N LYS H 16 7.84 -11.45 -2.31
CA LYS H 16 9.24 -11.76 -2.58
C LYS H 16 9.90 -12.16 -1.27
N ORN I 1 -13.51 5.85 -9.95
CA ORN I 1 -12.44 5.69 -10.97
CB ORN I 1 -11.87 7.08 -11.39
CG ORN I 1 -12.87 7.96 -12.19
CD ORN I 1 -13.25 7.31 -13.56
NE ORN I 1 -12.12 7.32 -14.48
C ORN I 1 -11.29 4.86 -10.38
O ORN I 1 -11.29 4.51 -9.21
H1 ORN I 1 -13.73 4.98 -9.47
H2 ORN I 1 -13.27 6.51 -9.21
H3 ORN I 1 -14.39 6.19 -10.34
HA ORN I 1 -12.87 5.14 -11.80
HB2 ORN I 1 -10.99 6.93 -12.01
HB3 ORN I 1 -11.62 7.63 -10.47
HG2 ORN I 1 -12.40 8.93 -12.38
HG3 ORN I 1 -13.78 8.11 -11.60
HD2 ORN I 1 -13.58 6.29 -13.38
HD3 ORN I 1 -14.06 7.90 -14.00
HE1 ORN I 1 -11.98 8.18 -14.99
N TYR I 2 -10.28 4.54 -11.24
CA TYR I 2 -9.12 3.79 -10.81
C TYR I 2 -7.89 4.24 -11.61
N LEU I 3 -6.73 4.08 -10.99
CA LEU I 3 -5.46 4.31 -11.66
C LEU I 3 -5.10 3.08 -12.47
N LEU I 4 -4.60 3.30 -13.68
CA LEU I 4 -4.14 2.23 -14.54
C LEU I 4 -2.69 2.48 -14.93
N PHI I 5 -1.99 1.42 -15.31
CA PHI I 5 -0.58 1.51 -15.67
CB PHI I 5 0.28 0.57 -14.77
CG PHI I 5 0.15 1.11 -13.33
CD1 PHI I 5 -1.03 0.74 -12.57
CD2 PHI I 5 1.10 1.94 -12.78
CE1 PHI I 5 -1.22 1.23 -11.32
CE2 PHI I 5 0.93 2.41 -11.49
CZ PHI I 5 -0.25 2.04 -10.76
I PHI I 5 -0.58 2.73 -8.79
C PHI I 5 -0.44 1.12 -17.09
O PHI I 5 -1.19 0.20 -17.59
H PHI I 5 -2.31 0.53 -15.39
HA PHI I 5 -0.27 2.42 -15.56
HB2 PHI I 5 1.17 0.61 -15.04
HB3 PHI I 5 -0.05 -0.34 -14.81
HD1 PHI I 5 -1.71 0.18 -12.97
HD2 PHI I 5 1.94 2.19 -13.31
HE1 PHI I 5 -2.03 0.97 -10.79
HE2 PHI I 5 1.65 3.03 -11.06
N TYR I 6 0.49 1.75 -17.78
CA TYR I 6 0.78 1.37 -19.15
C TYR I 6 2.25 1.62 -19.44
N THR I 7 2.69 1.17 -20.61
CA THR I 7 4.07 1.33 -21.01
C THR I 7 4.16 2.16 -22.30
N GLU I 8 5.21 2.96 -22.38
CA GLU I 8 5.56 3.64 -23.61
C GLU I 8 7.02 3.34 -23.84
N ORN I 9 11.11 0.00 -22.08
CA ORN I 9 10.08 1.09 -22.02
CB ORN I 9 8.79 0.64 -22.71
CG ORN I 9 8.93 0.51 -24.24
CD ORN I 9 8.63 1.82 -24.97
NE ORN I 9 7.28 2.27 -24.68
C ORN I 9 9.79 1.47 -20.55
O ORN I 9 10.07 0.71 -19.62
H1 ORN I 9 11.90 0.15 -21.45
H2 ORN I 9 10.74 -0.92 -21.83
H3 ORN I 9 11.52 -0.12 -23.01
HA ORN I 9 10.54 1.96 -22.51
HB2 ORN I 9 8.00 1.38 -22.50
HB3 ORN I 9 8.51 -0.35 -22.31
HG2 ORN I 9 9.95 0.20 -24.48
HG3 ORN I 9 8.24 -0.25 -24.59
HD2 ORN I 9 9.34 2.59 -24.64
HD3 ORN I 9 8.72 1.65 -26.04
HE1 ORN I 9 6.54 1.73 -25.12
N LYS I 10 9.22 2.71 -20.35
CA LYS I 10 8.91 3.19 -19.01
C LYS I 10 7.45 2.92 -18.63
N VAL I 11 7.22 2.74 -17.33
CA VAL I 11 5.86 2.62 -16.82
C VAL I 11 5.29 4.00 -16.55
N ALA I 12 4.06 4.20 -17.00
CA ALA I 12 3.37 5.47 -16.81
C ALA I 12 1.97 5.15 -16.29
N MAA I 13 1.26 6.13 -15.76
CM MAA I 13 1.82 7.43 -15.37
CA MAA I 13 -0.10 5.86 -15.22
CB MAA I 13 -0.06 5.84 -13.68
C MAA I 13 -1.17 6.84 -15.74
O MAA I 13 -0.87 7.94 -16.21
HM1 MAA I 13 1.08 7.98 -14.77
HM2 MAA I 13 2.06 8.01 -16.27
HM3 MAA I 13 2.74 7.26 -14.76
HA MAA I 13 -0.40 4.88 -15.57
HB1 MAA I 13 -0.01 6.86 -13.31
HB2 MAA I 13 -0.97 5.35 -13.31
HB3 MAA I 13 0.83 5.28 -13.35
N ALA I 14 -2.41 6.40 -15.65
CA ALA I 14 -3.53 7.22 -16.05
C ALA I 14 -4.66 7.00 -15.07
N VAL I 15 -5.67 7.84 -15.15
CA VAL I 15 -6.88 7.69 -14.35
C VAL I 15 -8.09 7.53 -15.26
N LYS I 16 -8.96 6.61 -14.87
CA LYS I 16 -10.17 6.37 -15.63
C LYS I 16 -11.32 6.21 -14.64
N ORN J 1 12.41 5.95 -10.68
CA ORN J 1 11.57 7.13 -11.02
CB ORN J 1 10.97 6.99 -12.42
CG ORN J 1 12.01 7.11 -13.53
CD ORN J 1 12.43 8.56 -13.75
NE ORN J 1 11.32 9.38 -14.18
C ORN J 1 10.46 7.30 -9.99
O ORN J 1 10.23 6.45 -9.14
H1 ORN J 1 11.96 5.06 -10.90
H2 ORN J 1 12.65 5.88 -9.69
H3 ORN J 1 13.30 5.93 -11.18
HA ORN J 1 12.23 7.99 -10.94
HB2 ORN J 1 10.47 6.02 -12.51
HB3 ORN J 1 10.24 7.81 -12.55
HG2 ORN J 1 11.58 6.74 -14.46
HG3 ORN J 1 12.88 6.52 -13.27
HD2 ORN J 1 12.81 8.97 -12.80
HD3 ORN J 1 13.21 8.59 -14.52
HE1 ORN J 1 11.11 9.33 -15.19
N TYR J 2 9.76 8.48 -10.09
CA TYR J 2 8.68 8.80 -9.17
C TYR J 2 7.36 8.97 -9.89
N LEU J 3 6.32 8.41 -9.30
CA LEU J 3 4.95 8.64 -9.73
C LEU J 3 4.50 9.97 -9.15
N LEU J 4 4.09 10.89 -10.02
CA LEU J 4 3.58 12.19 -9.60
C LEU J 4 2.08 12.25 -9.76
N PHI J 5 1.43 13.05 -8.92
CA PHI J 5 0.01 13.34 -9.09
CB PHI J 5 -0.82 12.98 -7.83
CG PHI J 5 -0.65 11.49 -7.46
CD1 PHI J 5 -1.68 10.52 -7.84
CD2 PHI J 5 0.46 11.08 -6.75
CE1 PHI J 5 -1.55 9.21 -7.50
CE2 PHI J 5 0.59 9.77 -6.43
CZ PHI J 5 -0.43 8.81 -6.80
I PHI J 5 -0.17 6.79 -6.25
C PHI J 5 -0.13 14.81 -9.30
O PHI J 5 0.53 15.64 -8.58
H PHI J 5 1.78 13.48 -8.16
HA PHI J 5 -0.33 12.86 -9.85
HB2 PHI J 5 -1.70 13.16 -8.00
HB3 PHI J 5 -0.51 13.52 -7.09
HD1 PHI J 5 -2.45 10.81 -8.33
HD2 PHI J 5 1.18 11.76 -6.49
HE1 PHI J 5 -2.25 8.55 -7.76
HE2 PHI J 5 1.43 9.45 -5.89
N TYR J 6 -0.97 15.19 -10.25
CA TYR J 6 -1.24 16.60 -10.48
C TYR J 6 -2.71 16.80 -10.78
N THR J 7 -3.18 18.04 -10.68
CA THR J 7 -4.59 18.33 -10.86
C THR J 7 -4.89 18.80 -12.27
N GLU J 8 -5.73 18.03 -12.97
CA GLU J 8 -6.09 18.29 -14.35
C GLU J 8 -7.41 19.07 -14.40
N ORN J 9 -11.18 20.19 -10.40
CA ORN J 9 -10.31 19.44 -11.34
CB ORN J 9 -8.95 20.15 -11.47
CG ORN J 9 -9.00 21.43 -12.36
CD ORN J 9 -8.54 21.20 -13.84
NE ORN J 9 -7.37 20.34 -13.88
C ORN J 9 -10.10 17.99 -10.84
O ORN J 9 -10.19 17.68 -9.65
H1 ORN J 9 -12.00 19.66 -10.11
H2 ORN J 9 -10.71 20.47 -9.54
H3 ORN J 9 -11.56 21.06 -10.80
HA ORN J 9 -10.85 19.39 -12.29
HB2 ORN J 9 -8.23 19.47 -11.93
HB3 ORN J 9 -8.61 20.45 -10.47
HG2 ORN J 9 -10.02 21.81 -12.37
HG3 ORN J 9 -8.34 22.19 -11.92
HD2 ORN J 9 -9.36 20.71 -14.38
HD3 ORN J 9 -8.29 22.16 -14.28
HE1 ORN J 9 -6.52 20.75 -13.50
N LYS J 10 -9.79 17.08 -11.82
CA LYS J 10 -9.56 15.67 -11.52
C LYS J 10 -8.07 15.38 -11.37
N VAL J 11 -7.74 14.39 -10.54
CA VAL J 11 -6.36 13.97 -10.38
C VAL J 11 -5.84 13.31 -11.65
N ALA J 12 -4.58 13.57 -11.98
CA ALA J 12 -3.90 12.93 -13.10
C ALA J 12 -2.53 12.46 -12.64
N MAA J 13 -1.93 11.50 -13.33
CM MAA J 13 -2.62 10.62 -14.29
CA MAA J 13 -0.56 11.08 -12.96
CB MAA J 13 -0.61 9.68 -12.28
C MAA J 13 0.48 11.09 -14.11
O MAA J 13 0.15 11.02 -15.30
HM1 MAA J 13 -1.93 9.81 -14.59
HM2 MAA J 13 -2.91 11.21 -15.17
HM3 MAA J 13 -3.51 10.20 -13.80
HA MAA J 13 -0.19 11.78 -12.22
HB1 MAA J 13 -1.45 9.65 -11.60
HB2 MAA J 13 0.33 9.51 -11.74
HB3 MAA J 13 -0.73 8.92 -13.07
N ALA J 14 1.73 11.19 -13.70
CA ALA J 14 2.87 11.05 -14.58
C ALA J 14 3.94 10.25 -13.85
N VAL J 15 4.93 9.77 -14.59
CA VAL J 15 6.12 9.19 -13.97
C VAL J 15 7.34 9.89 -14.53
N LYS J 16 8.21 10.29 -13.62
CA LYS J 16 9.46 10.96 -13.95
C LYS J 16 10.59 10.17 -13.33
N ORN K 1 -13.84 -8.38 7.64
CA ORN K 1 -12.80 -9.45 7.68
CB ORN K 1 -13.15 -10.56 6.67
CG ORN K 1 -14.44 -11.29 7.00
CD ORN K 1 -14.33 -12.19 8.25
NE ORN K 1 -13.36 -13.27 8.04
C ORN K 1 -11.42 -8.89 7.35
O ORN K 1 -11.26 -7.75 6.94
H1 ORN K 1 -14.72 -8.65 8.08
H2 ORN K 1 -14.09 -8.10 6.68
H3 ORN K 1 -13.54 -7.52 8.11
HA ORN K 1 -12.79 -9.81 8.71
HB2 ORN K 1 -13.23 -10.14 5.67
HB3 ORN K 1 -12.34 -11.30 6.71
HG2 ORN K 1 -15.23 -10.55 7.18
HG3 ORN K 1 -14.73 -11.91 6.15
HD2 ORN K 1 -14.01 -11.59 9.10
HD3 ORN K 1 -15.30 -12.64 8.44
HE1 ORN K 1 -13.72 -14.11 7.60
N TYR K 2 -10.39 -9.77 7.55
CA TYR K 2 -9.02 -9.37 7.25
C TYR K 2 -8.28 -10.51 6.56
N LEU K 3 -7.33 -10.12 5.72
CA LEU K 3 -6.37 -11.03 5.16
C LEU K 3 -5.33 -11.36 6.22
N LEU K 4 -4.95 -12.63 6.31
CA LEU K 4 -3.88 -13.06 7.21
C LEU K 4 -2.86 -13.88 6.42
N PHI K 5 -1.61 -13.85 6.86
CA PHI K 5 -0.52 -14.54 6.17
CB PHI K 5 0.69 -13.60 5.95
CG PHI K 5 0.19 -12.40 5.11
CD1 PHI K 5 0.41 -12.38 3.67
CD2 PHI K 5 -0.47 -11.39 5.74
CE1 PHI K 5 -0.05 -11.31 2.94
CE2 PHI K 5 -0.94 -10.34 5.02
CZ PHI K 5 -0.71 -10.32 3.61
I PHI K 5 -1.46 -8.64 2.61
C PHI K 5 -0.08 -15.70 6.97
O PHI K 5 -0.09 -15.64 8.25
H PHI K 5 -1.30 -13.40 7.62
HA PHI K 5 -0.84 -14.85 5.31
HB2 PHI K 5 1.36 -14.05 5.50
HB3 PHI K 5 1.02 -13.29 6.79
HD1 PHI K 5 0.88 -13.10 3.23
HD2 PHI K 5 -0.63 -11.43 6.77
HE1 PHI K 5 0.08 -11.26 1.95
HE2 PHI K 5 -1.44 -9.55 5.48
N TYR K 6 0.31 -16.76 6.28
CA TYR K 6 0.78 -17.96 6.95
C TYR K 6 1.78 -18.69 6.07
N THR K 7 2.57 -19.55 6.70
CA THR K 7 3.57 -20.35 5.98
C THR K 7 3.02 -21.72 5.62
N GLU K 8 3.43 -22.19 4.44
CA GLU K 8 3.12 -23.54 3.98
C GLU K 8 4.42 -24.26 3.65
N ORN K 9 9.72 -22.77 2.58
CA ORN K 9 8.23 -22.80 2.42
CB ORN K 9 7.57 -23.35 3.68
CG ORN K 9 7.38 -24.86 3.59
CD ORN K 9 6.42 -25.43 4.61
NE ORN K 9 5.16 -24.69 4.72
C ORN K 9 7.67 -21.42 2.06
O ORN K 9 8.16 -20.37 2.50
H1 ORN K 9 10.15 -23.69 2.54
H2 ORN K 9 10.19 -22.23 1.85
H3 ORN K 9 10.02 -22.36 3.46
HA ORN K 9 8.05 -23.45 1.56
HB2 ORN K 9 6.58 -22.89 3.79
HB3 ORN K 9 8.20 -23.13 4.55
HG2 ORN K 9 8.34 -25.34 3.72
HG3 ORN K 9 7.00 -25.10 2.58
HD2 ORN K 9 6.91 -25.42 5.58
HD3 ORN K 9 6.18 -26.46 4.32
HE1 ORN K 9 4.83 -24.56 5.68
N LYS K 10 6.59 -21.43 1.21
CA LYS K 10 5.99 -20.19 0.75
C LYS K 10 5.07 -19.54 1.77
N VAL K 11 4.93 -18.23 1.61
CA VAL K 11 3.93 -17.43 2.31
C VAL K 11 2.61 -17.54 1.54
N ALA K 12 1.52 -17.71 2.28
CA ALA K 12 0.20 -17.89 1.69
C ALA K 12 -0.76 -16.96 2.41
N MAA K 13 -1.94 -16.74 1.84
CM MAA K 13 -2.20 -16.98 0.42
CA MAA K 13 -2.92 -15.87 2.54
CB MAA K 13 -3.00 -14.50 1.84
C MAA K 13 -4.28 -16.51 2.67
O MAA K 13 -4.69 -17.34 1.87
HM1 MAA K 13 -3.14 -16.49 0.13
HM2 MAA K 13 -2.28 -18.08 0.26
HM3 MAA K 13 -1.35 -16.58 -0.18
HA MAA K 13 -2.56 -15.70 3.55
HB1 MAA K 13 -3.59 -14.60 0.92
HB2 MAA K 13 -3.49 -13.77 2.51
HB3 MAA K 13 -1.99 -14.16 1.59
N ALA K 14 -4.98 -16.12 3.73
CA ALA K 14 -6.35 -16.49 3.89
C ALA K 14 -7.13 -15.30 4.38
N VAL K 15 -8.44 -15.44 4.40
CA VAL K 15 -9.34 -14.40 4.88
C VAL K 15 -10.18 -14.91 6.03
N LYS K 16 -10.36 -14.06 7.02
CA LYS K 16 -11.19 -14.38 8.17
C LYS K 16 -12.06 -13.16 8.46
N ORN L 1 6.50 -14.33 -6.68
CA ORN L 1 5.09 -14.78 -6.86
CB ORN L 1 4.75 -15.91 -5.86
CG ORN L 1 5.43 -17.24 -6.20
CD ORN L 1 4.82 -17.90 -7.46
NE ORN L 1 3.42 -18.23 -7.24
C ORN L 1 4.12 -13.60 -6.66
O ORN L 1 4.51 -12.51 -6.26
H1 ORN L 1 6.70 -13.45 -7.16
H2 ORN L 1 7.18 -15.00 -7.04
H3 ORN L 1 6.76 -14.18 -5.70
HA ORN L 1 5.00 -15.10 -7.90
HB2 ORN L 1 5.04 -15.60 -4.85
HB3 ORN L 1 3.66 -16.07 -5.92
HG2 ORN L 1 6.50 -17.06 -6.37
HG3 ORN L 1 5.32 -17.92 -5.35
HD2 ORN L 1 4.90 -17.21 -8.30
HD3 ORN L 1 5.36 -18.83 -7.67
HE1 ORN L 1 3.26 -19.11 -6.75
N TYR L 2 2.81 -13.87 -6.98
CA TYR L 2 1.73 -12.88 -6.86
C TYR L 2 0.72 -13.37 -5.85
N LEU L 3 0.23 -12.47 -5.01
CA LEU L 3 -1.01 -12.70 -4.29
C LEU L 3 -2.20 -12.50 -5.22
N LEU L 4 -3.04 -13.53 -5.35
CA LEU L 4 -4.23 -13.44 -6.22
C LEU L 4 -5.48 -13.55 -5.38
N PHI L 5 -6.57 -12.97 -5.87
CA PHI L 5 -7.85 -12.96 -5.16
CB PHI L 5 -8.33 -11.51 -4.90
CG PHI L 5 -7.21 -10.76 -4.13
CD1 PHI L 5 -7.18 -10.77 -2.67
CD2 PHI L 5 -6.25 -10.09 -4.83
CE1 PHI L 5 -6.20 -10.10 -2.00
CE2 PHI L 5 -5.26 -9.42 -4.18
CZ PHI L 5 -5.23 -9.43 -2.73
I PHI L 5 -3.70 -8.38 -1.73
C PHI L 5 -8.90 -13.65 -5.96
O PHI L 5 -8.91 -13.57 -7.24
H PHI L 5 -6.64 -12.50 -6.69
HA PHI L 5 -7.74 -13.42 -4.32
HB2 PHI L 5 -9.11 -11.54 -4.38
HB3 PHI L 5 -8.49 -11.08 -5.73
HD1 PHI L 5 -7.87 -11.25 -2.17
HD2 PHI L 5 -6.28 -10.09 -5.86
HE1 PHI L 5 -6.18 -10.10 -1.00
HE2 PHI L 5 -4.53 -8.90 -4.71
N TYR L 6 -9.80 -14.32 -5.26
CA TYR L 6 -10.88 -15.04 -5.92
C TYR L 6 -12.21 -14.66 -5.28
N THR L 7 -13.21 -14.48 -6.14
CA THR L 7 -14.54 -14.05 -5.72
C THR L 7 -15.44 -13.92 -6.93
N GLU L 8 -16.69 -14.33 -6.77
CA GLU L 8 -17.71 -14.15 -7.80
C GLU L 8 -18.44 -12.82 -7.61
N ORN L 9 -20.20 -10.31 -1.47
CA ORN L 9 -19.34 -11.35 -2.10
CB ORN L 9 -18.86 -10.88 -3.48
CG ORN L 9 -19.86 -11.16 -4.62
CD ORN L 9 -19.18 -11.09 -5.99
NE ORN L 9 -18.52 -12.36 -6.31
C ORN L 9 -18.12 -11.64 -1.21
O ORN L 9 -17.37 -10.75 -0.81
H1 ORN L 9 -19.82 -9.37 -1.54
H2 ORN L 9 -21.14 -10.26 -1.89
H3 ORN L 9 -20.37 -10.47 -0.47
HA ORN L 9 -19.95 -12.26 -2.15
HB2 ORN L 9 -18.66 -9.80 -3.45
HB3 ORN L 9 -17.94 -11.43 -3.72
HG2 ORN L 9 -20.67 -10.44 -4.58
HG3 ORN L 9 -20.27 -12.17 -4.48
HD2 ORN L 9 -19.95 -10.89 -6.75
HD3 ORN L 9 -18.43 -10.30 -5.97
HE1 ORN L 9 -18.14 -12.86 -5.51
N LYS L 10 -17.95 -12.97 -0.90
CA LYS L 10 -16.85 -13.43 -0.07
C LYS L 10 -15.56 -13.49 -0.90
N VAL L 11 -14.42 -13.31 -0.24
CA VAL L 11 -13.14 -13.24 -0.92
C VAL L 11 -12.17 -14.28 -0.36
N ALA L 12 -11.52 -15.01 -1.26
CA ALA L 12 -10.46 -15.95 -0.88
C ALA L 12 -9.15 -15.51 -1.54
N MAA L 13 -8.01 -15.81 -0.92
CM MAA L 13 -7.92 -16.47 0.39
CA MAA L 13 -6.71 -15.41 -1.51
CB MAA L 13 -5.99 -14.44 -0.55
C MAA L 13 -5.80 -16.64 -1.83
O MAA L 13 -6.09 -17.76 -1.43
HM1 MAA L 13 -6.85 -16.59 0.64
HM2 MAA L 13 -8.42 -15.86 1.14
HM3 MAA L 13 -8.40 -17.47 0.31
HA MAA L 13 -6.90 -14.90 -2.45
HB1 MAA L 13 -6.71 -13.70 -0.19
HB2 MAA L 13 -5.57 -15.02 0.29
HB3 MAA L 13 -5.18 -13.93 -1.10
N ALA L 14 -4.74 -16.39 -2.58
CA ALA L 14 -3.80 -17.44 -2.93
C ALA L 14 -2.50 -16.80 -3.42
N VAL L 15 -1.41 -17.51 -3.26
CA VAL L 15 -0.12 -17.06 -3.79
C VAL L 15 0.27 -17.98 -4.94
N LYS L 16 0.57 -17.38 -6.07
CA LYS L 16 0.99 -17.98 -7.32
C LYS L 16 2.38 -17.45 -7.66
S SO4 M . 14.69 2.45 22.48
O1 SO4 M . 15.17 1.08 22.28
O2 SO4 M . 13.87 2.50 23.69
O3 SO4 M . 15.82 3.35 22.62
O4 SO4 M . 13.90 2.85 21.33
S SO4 N . 16.75 3.03 16.43
O1 SO4 N . 16.62 1.58 16.48
O2 SO4 N . 17.98 3.44 17.09
O3 SO4 N . 16.76 3.46 15.04
O4 SO4 N . 15.62 3.64 17.12
S SO4 O . 18.08 -1.12 8.09
O1 SO4 O . 19.48 -1.35 7.73
O2 SO4 O . 17.91 -1.33 9.52
O3 SO4 O . 17.69 0.25 7.74
O4 SO4 O . 17.23 -2.06 7.36
CL CL P . -1.15 18.82 -1.76
CL CL Q . -10.17 11.55 12.00
CL CL R . -11.02 15.14 -2.63
S SO4 S . 0.62 -2.00 21.94
O1 SO4 S . 0.52 -3.26 21.19
O2 SO4 S . 0.21 -2.26 23.32
O3 SO4 S . 2.01 -1.54 21.93
O4 SO4 S . -0.25 -0.99 21.37
S SO4 T . 11.98 16.27 7.65
O1 SO4 T . 12.76 15.26 6.93
O2 SO4 T . 12.09 16.04 9.08
O3 SO4 T . 12.52 17.59 7.32
O4 SO4 T . 10.59 16.20 7.26
S SO4 U . 17.76 17.09 10.69
O1 SO4 U . 19.21 16.88 10.63
O2 SO4 U . 17.30 16.89 12.05
O3 SO4 U . 17.46 18.46 10.27
O4 SO4 U . 17.11 16.14 9.79
CL CL V . 17.41 5.76 1.11
S SO4 W . 15.01 3.98 -12.14
O1 SO4 W . 16.24 3.20 -12.17
O2 SO4 W . 14.83 4.57 -10.82
O3 SO4 W . 15.08 5.05 -13.13
O4 SO4 W . 13.87 3.11 -12.45
CL CL X . 10.77 -5.50 -14.41
S SO4 Y . -1.10 -7.86 -17.48
O1 SO4 Y . -1.13 -8.35 -18.86
O2 SO4 Y . -1.76 -8.82 -16.60
O3 SO4 Y . 0.28 -7.66 -17.06
O4 SO4 Y . -1.81 -6.60 -17.40
CL CL Z . 9.62 -15.52 -7.16
S SO4 AA . -12.61 -1.12 -20.23
O1 SO4 AA . -12.09 -1.03 -21.60
O2 SO4 AA . -11.54 -1.54 -19.33
O3 SO4 AA . -13.14 0.16 -19.80
O4 SO4 AA . -13.68 -2.12 -20.20
S SO4 BA . 11.19 10.12 -17.95
O1 SO4 BA . 10.95 10.56 -19.31
O2 SO4 BA . 12.38 9.27 -17.90
O3 SO4 BA . 11.40 11.28 -17.08
O4 SO4 BA . 10.04 9.36 -17.48
CL CL CA . -15.90 7.93 -8.57
CL CL DA . 13.97 -0.67 -20.86
S SO4 EA . -0.22 20.16 -8.41
O1 SO4 EA . 0.44 20.05 -9.71
O2 SO4 EA . 0.70 19.72 -7.36
O3 SO4 EA . -0.55 21.57 -8.14
O4 SO4 EA . -1.45 19.39 -8.41
S SO4 FA . 9.04 16.63 -19.17
O1 SO4 FA . 9.57 16.12 -20.43
O2 SO4 FA . 10.11 16.67 -18.18
O3 SO4 FA . 8.50 17.97 -19.36
O4 SO4 FA . 7.97 15.77 -18.68
S SO4 GA . 2.89 -18.93 10.32
O1 SO4 GA . 2.20 -19.86 9.44
O2 SO4 GA . 3.23 -19.58 11.58
O3 SO4 GA . 4.11 -18.53 9.64
O4 SO4 GA . 2.01 -17.80 10.61
CL CL HA . 3.21 -21.08 -5.58
#